data_9O66
#
_entry.id   9O66
#
_cell.length_a   153.156
_cell.length_b   75.510
_cell.length_c   56.754
_cell.angle_alpha   90.00
_cell.angle_beta   95.93
_cell.angle_gamma   90.00
#
_symmetry.space_group_name_H-M   'C 1 2 1'
#
loop_
_entity.id
_entity.type
_entity.pdbx_description
1 polymer 'Tryptophan--tRNA ligase'
2 non-polymer IMIDAZOLE
3 non-polymer 'CALCIUM ION'
4 water water
#
_entity_poly.entity_id   1
_entity_poly.type   'polypeptide(L)'
_entity_poly.pdbx_seq_one_letter_code
;MAHHHHHHMGTLEAQTQGPGSMTKPIVFSGAQPSGELTIGNYMGALRQWVNMQDDYHCIYCIVDQHAITVRQDPQNLRKA
TLDTLALYLACGIDPQKSTIFVQSHVPEHAQLGWALNCYTYFGELSRMTQFKDKSARYAENINAGLFDYPVLMAADILLY
QTNQVPVGEDQKQHLELSRDVAQRFNAIYGDIFKVPEPFIPKSGARVMSLLEPTKKMSKSDDNRNNVIGLLEDPKSVVKK
IKRAVTDSDEPPVVRYDVQNKAGVSNLLDILSAVTGQSIPELEQHFEGKMYGHLKGEVAEAVSGMLTELQERYHRFRNDE
AFLNQVMKEGAEKASAHASKTLKAVYEAIGFVAKP
;
_entity_poly.pdbx_strand_id   A,B
#
# COMPACT_ATOMS: atom_id res chain seq x y z
N LYS A 24 29.82 3.14 -2.22
CA LYS A 24 29.31 4.50 -2.10
C LYS A 24 28.05 4.53 -1.24
N PRO A 25 27.96 5.50 -0.31
CA PRO A 25 26.75 5.58 0.52
C PRO A 25 25.54 5.92 -0.33
N ILE A 26 24.39 5.38 0.06
CA ILE A 26 23.12 5.61 -0.62
C ILE A 26 22.38 6.72 0.11
N VAL A 27 21.95 7.73 -0.65
CA VAL A 27 21.22 8.88 -0.12
C VAL A 27 19.87 8.92 -0.82
N PHE A 28 18.80 9.02 -0.05
CA PHE A 28 17.44 9.07 -0.58
C PHE A 28 16.82 10.41 -0.23
N SER A 29 16.21 11.05 -1.23
CA SER A 29 15.51 12.31 -1.04
C SER A 29 14.19 12.26 -1.79
N GLY A 30 13.11 12.63 -1.11
CA GLY A 30 11.80 12.72 -1.74
C GLY A 30 11.50 14.16 -2.16
N ALA A 31 10.96 14.29 -3.36
CA ALA A 31 10.60 15.60 -3.91
C ALA A 31 9.10 15.61 -4.20
N GLN A 32 8.40 16.55 -3.61
CA GLN A 32 6.97 16.68 -3.87
C GLN A 32 6.77 17.07 -5.34
N PRO A 33 5.74 16.53 -6.01
CA PRO A 33 5.45 16.99 -7.39
C PRO A 33 4.72 18.32 -7.41
N SER A 34 5.43 19.38 -7.01
CA SER A 34 4.89 20.73 -6.95
C SER A 34 5.47 21.65 -8.01
N GLY A 35 6.76 21.52 -8.32
CA GLY A 35 7.37 22.37 -9.31
C GLY A 35 7.60 23.80 -8.89
N GLU A 36 7.68 24.05 -7.57
CA GLU A 36 7.82 25.40 -7.04
C GLU A 36 8.99 25.46 -6.06
N LEU A 37 10.13 24.92 -6.46
CA LEU A 37 11.34 25.07 -5.66
C LEU A 37 11.63 26.55 -5.44
N THR A 38 12.01 26.89 -4.21
CA THR A 38 12.42 28.25 -3.88
C THR A 38 13.94 28.34 -3.89
N ILE A 39 14.44 29.56 -4.11
CA ILE A 39 15.88 29.75 -4.15
C ILE A 39 16.52 29.33 -2.84
N GLY A 40 15.77 29.40 -1.73
CA GLY A 40 16.30 28.92 -0.47
C GLY A 40 16.51 27.42 -0.48
N ASN A 41 15.56 26.67 -1.05
CA ASN A 41 15.73 25.23 -1.17
C ASN A 41 16.92 24.88 -2.05
N TYR A 42 17.06 25.56 -3.18
CA TYR A 42 18.13 25.26 -4.11
C TYR A 42 19.50 25.53 -3.48
N MET A 43 19.78 26.79 -3.15
CA MET A 43 21.12 27.16 -2.73
C MET A 43 21.54 26.40 -1.48
N GLY A 44 20.60 26.14 -0.58
CA GLY A 44 20.92 25.41 0.62
C GLY A 44 21.11 23.92 0.39
N ALA A 45 20.05 23.26 -0.08
CA ALA A 45 19.99 21.80 -0.16
C ALA A 45 20.39 21.25 -1.53
N LEU A 46 19.63 21.58 -2.57
CA LEU A 46 19.72 20.83 -3.82
C LEU A 46 21.04 21.08 -4.54
N ARG A 47 21.46 22.35 -4.61
CA ARG A 47 22.72 22.67 -5.30
C ARG A 47 23.90 21.96 -4.66
N GLN A 48 23.89 21.83 -3.33
CA GLN A 48 24.98 21.14 -2.65
C GLN A 48 25.07 19.69 -3.08
N TRP A 49 23.91 19.01 -3.20
CA TRP A 49 23.90 17.59 -3.52
CA TRP A 49 23.94 17.59 -3.52
C TRP A 49 24.32 17.34 -4.97
N VAL A 50 24.05 18.29 -5.86
CA VAL A 50 24.38 18.10 -7.27
C VAL A 50 25.88 17.84 -7.45
N ASN A 51 26.71 18.46 -6.62
CA ASN A 51 28.16 18.33 -6.75
C ASN A 51 28.69 17.04 -6.11
N MET A 52 27.86 16.31 -5.38
CA MET A 52 28.29 15.09 -4.70
C MET A 52 27.72 13.83 -5.36
N GLN A 53 27.30 13.93 -6.62
CA GLN A 53 26.73 12.77 -7.32
C GLN A 53 27.79 11.72 -7.65
N ASP A 54 29.06 12.09 -7.65
CA ASP A 54 30.14 11.14 -7.92
C ASP A 54 30.57 10.37 -6.68
N ASP A 55 30.31 10.90 -5.49
CA ASP A 55 30.72 10.28 -4.24
C ASP A 55 29.58 9.54 -3.53
N TYR A 56 28.35 9.72 -3.99
CA TYR A 56 27.20 9.07 -3.38
C TYR A 56 26.30 8.51 -4.47
N HIS A 57 25.57 7.45 -4.13
CA HIS A 57 24.46 6.97 -4.94
C HIS A 57 23.23 7.75 -4.50
N CYS A 58 22.94 8.84 -5.21
CA CYS A 58 21.79 9.67 -4.91
C CYS A 58 20.54 9.14 -5.60
N ILE A 59 19.44 9.10 -4.84
CA ILE A 59 18.15 8.62 -5.31
C ILE A 59 17.14 9.73 -5.08
N TYR A 60 16.56 10.25 -6.15
CA TYR A 60 15.54 11.29 -6.07
C TYR A 60 14.21 10.70 -6.53
N CYS A 61 13.24 10.68 -5.63
CA CYS A 61 11.95 10.05 -5.86
C CYS A 61 10.86 11.12 -5.83
N ILE A 62 10.19 11.32 -6.96
CA ILE A 62 9.08 12.26 -7.05
C ILE A 62 7.85 11.57 -6.47
N VAL A 63 7.43 12.00 -5.28
CA VAL A 63 6.51 11.20 -4.47
C VAL A 63 5.10 11.64 -4.84
N ASP A 64 4.60 11.13 -5.96
CA ASP A 64 3.24 11.45 -6.36
C ASP A 64 2.21 10.66 -5.55
N GLN A 65 2.58 9.52 -4.97
CA GLN A 65 1.65 8.79 -4.12
C GLN A 65 1.45 9.49 -2.78
N HIS A 66 2.46 10.19 -2.28
CA HIS A 66 2.29 11.02 -1.10
C HIS A 66 1.44 12.24 -1.39
N ALA A 67 1.59 12.81 -2.58
CA ALA A 67 0.88 14.05 -2.88
C ALA A 67 -0.63 13.88 -2.81
N ILE A 68 -1.14 12.68 -3.12
CA ILE A 68 -2.59 12.49 -3.20
C ILE A 68 -3.23 12.28 -1.85
N THR A 69 -2.45 12.30 -0.76
CA THR A 69 -3.04 12.40 0.57
C THR A 69 -3.81 13.71 0.74
N VAL A 70 -3.56 14.70 -0.11
CA VAL A 70 -4.40 15.88 -0.25
C VAL A 70 -5.00 15.84 -1.64
N ARG A 71 -6.31 16.08 -1.74
CA ARG A 71 -7.00 15.97 -3.02
C ARG A 71 -6.38 16.92 -4.03
N GLN A 72 -6.12 16.42 -5.23
CA GLN A 72 -5.45 17.15 -6.29
C GLN A 72 -6.35 17.26 -7.51
N ASP A 73 -6.13 18.30 -8.29
CA ASP A 73 -6.72 18.35 -9.62
C ASP A 73 -5.94 17.40 -10.52
N PRO A 74 -6.60 16.43 -11.18
CA PRO A 74 -5.82 15.42 -11.92
C PRO A 74 -4.80 15.99 -12.90
N GLN A 75 -5.25 16.88 -13.80
CA GLN A 75 -4.35 17.40 -14.82
C GLN A 75 -3.17 18.15 -14.22
N ASN A 76 -3.42 18.94 -13.18
CA ASN A 76 -2.35 19.71 -12.56
C ASN A 76 -1.31 18.79 -11.91
N LEU A 77 -1.76 17.71 -11.28
CA LEU A 77 -0.81 16.77 -10.69
C LEU A 77 0.11 16.18 -11.76
N ARG A 78 -0.45 15.78 -12.90
CA ARG A 78 0.38 15.24 -13.98
C ARG A 78 1.38 16.28 -14.47
N LYS A 79 0.93 17.52 -14.65
CA LYS A 79 1.83 18.57 -15.11
C LYS A 79 2.91 18.86 -14.08
N ALA A 80 2.54 18.85 -12.80
CA ALA A 80 3.51 19.21 -11.76
C ALA A 80 4.55 18.11 -11.56
N THR A 81 4.19 16.86 -11.84
CA THR A 81 5.17 15.79 -11.76
C THR A 81 6.25 15.97 -12.82
N LEU A 82 5.84 16.26 -14.06
CA LEU A 82 6.83 16.53 -15.11
C LEU A 82 7.58 17.84 -14.85
N ASP A 83 6.89 18.85 -14.30
CA ASP A 83 7.57 20.09 -13.92
C ASP A 83 8.69 19.80 -12.94
N THR A 84 8.41 18.99 -11.93
CA THR A 84 9.42 18.69 -10.91
C THR A 84 10.60 17.95 -11.52
N LEU A 85 10.33 16.96 -12.38
CA LEU A 85 11.42 16.22 -13.01
C LEU A 85 12.30 17.13 -13.86
N ALA A 86 11.68 17.92 -14.74
CA ALA A 86 12.44 18.83 -15.57
C ALA A 86 13.25 19.81 -14.72
N LEU A 87 12.70 20.21 -13.57
CA LEU A 87 13.39 21.19 -12.73
C LEU A 87 14.61 20.57 -12.06
N TYR A 88 14.48 19.37 -11.52
CA TYR A 88 15.64 18.70 -10.93
C TYR A 88 16.69 18.38 -12.00
N LEU A 89 16.26 18.05 -13.22
CA LEU A 89 17.21 17.86 -14.31
C LEU A 89 17.97 19.13 -14.62
N ALA A 90 17.26 20.26 -14.69
CA ALA A 90 17.91 21.53 -15.01
C ALA A 90 18.87 21.97 -13.89
N CYS A 91 18.56 21.65 -12.64
CA CYS A 91 19.46 21.96 -11.54
C CYS A 91 20.76 21.17 -11.62
N GLY A 92 20.76 20.02 -12.32
CA GLY A 92 21.99 19.30 -12.56
C GLY A 92 21.98 17.84 -12.19
N ILE A 93 20.85 17.33 -11.70
CA ILE A 93 20.76 15.90 -11.40
C ILE A 93 20.92 15.13 -12.70
N ASP A 94 21.87 14.18 -12.70
CA ASP A 94 22.24 13.46 -13.90
C ASP A 94 21.63 12.07 -13.85
N PRO A 95 20.69 11.72 -14.75
CA PRO A 95 20.06 10.40 -14.66
C PRO A 95 21.02 9.24 -14.89
N GLN A 96 22.24 9.50 -15.33
CA GLN A 96 23.23 8.45 -15.49
C GLN A 96 24.07 8.22 -14.24
N LYS A 97 24.29 9.25 -13.43
CA LYS A 97 24.99 9.10 -12.16
C LYS A 97 24.04 8.74 -11.02
N SER A 98 22.85 9.32 -11.03
CA SER A 98 21.86 9.16 -9.98
C SER A 98 20.63 8.46 -10.53
N THR A 99 19.72 8.11 -9.62
CA THR A 99 18.46 7.46 -9.95
C THR A 99 17.34 8.42 -9.61
N ILE A 100 16.65 8.93 -10.63
CA ILE A 100 15.51 9.81 -10.47
C ILE A 100 14.31 9.15 -11.14
N PHE A 101 13.19 9.08 -10.43
CA PHE A 101 12.04 8.35 -10.92
C PHE A 101 10.79 8.86 -10.22
N VAL A 102 9.64 8.46 -10.75
CA VAL A 102 8.34 8.75 -10.17
C VAL A 102 7.95 7.61 -9.26
N GLN A 103 7.48 7.94 -8.06
CA GLN A 103 7.19 6.92 -7.05
C GLN A 103 6.17 5.90 -7.56
N SER A 104 5.10 6.36 -8.19
CA SER A 104 4.04 5.47 -8.64
C SER A 104 4.49 4.50 -9.72
N HIS A 105 5.64 4.75 -10.36
CA HIS A 105 6.16 3.86 -11.38
C HIS A 105 6.86 2.63 -10.80
N VAL A 106 7.08 2.59 -9.50
CA VAL A 106 7.78 1.51 -8.83
C VAL A 106 6.82 0.87 -7.84
N PRO A 107 6.15 -0.22 -8.22
CA PRO A 107 5.13 -0.81 -7.33
C PRO A 107 5.67 -1.23 -5.97
N GLU A 108 6.98 -1.47 -5.87
CA GLU A 108 7.55 -1.96 -4.62
C GLU A 108 7.35 -0.97 -3.47
N HIS A 109 7.17 0.32 -3.76
CA HIS A 109 6.92 1.28 -2.70
C HIS A 109 5.61 0.98 -1.97
N ALA A 110 4.53 0.78 -2.73
CA ALA A 110 3.25 0.44 -2.10
C ALA A 110 3.30 -0.94 -1.45
N GLN A 111 3.96 -1.91 -2.10
CA GLN A 111 4.03 -3.25 -1.54
C GLN A 111 4.69 -3.23 -0.16
N LEU A 112 5.88 -2.62 -0.07
CA LEU A 112 6.55 -2.54 1.23
C LEU A 112 5.79 -1.64 2.19
N GLY A 113 5.08 -0.64 1.65
CA GLY A 113 4.30 0.23 2.51
C GLY A 113 3.24 -0.55 3.28
N TRP A 114 2.55 -1.48 2.61
CA TRP A 114 1.56 -2.28 3.32
C TRP A 114 2.22 -3.19 4.36
N ALA A 115 3.31 -3.86 3.97
CA ALA A 115 3.94 -4.80 4.89
C ALA A 115 4.42 -4.10 6.16
N LEU A 116 4.95 -2.88 6.01
CA LEU A 116 5.46 -2.16 7.17
C LEU A 116 4.36 -1.60 8.05
N ASN A 117 3.13 -1.47 7.53
CA ASN A 117 2.01 -1.14 8.40
C ASN A 117 1.90 -2.13 9.55
N CYS A 118 2.09 -3.42 9.25
CA CYS A 118 1.96 -4.49 10.23
C CYS A 118 3.08 -4.49 11.26
N TYR A 119 4.12 -3.69 11.07
CA TYR A 119 5.21 -3.55 12.03
C TYR A 119 5.32 -2.15 12.58
N THR A 120 4.24 -1.37 12.48
CA THR A 120 4.16 -0.01 12.97
C THR A 120 2.98 0.07 13.93
N TYR A 121 3.18 0.71 15.08
CA TYR A 121 2.11 0.85 16.05
C TYR A 121 1.17 2.00 15.66
N PHE A 122 -0.12 1.77 15.85
CA PHE A 122 -1.12 2.82 15.64
C PHE A 122 -0.74 4.08 16.41
N GLY A 123 -0.29 3.92 17.65
CA GLY A 123 0.06 5.08 18.45
C GLY A 123 1.26 5.83 17.91
N GLU A 124 2.16 5.15 17.19
CA GLU A 124 3.29 5.86 16.59
C GLU A 124 2.81 6.81 15.50
N LEU A 125 1.78 6.42 14.75
CA LEU A 125 1.19 7.31 13.76
C LEU A 125 0.30 8.37 14.39
N SER A 126 -0.38 8.03 15.48
CA SER A 126 -1.22 9.00 16.16
C SER A 126 -0.40 10.15 16.72
N ARG A 127 0.79 9.85 17.26
CA ARG A 127 1.65 10.89 17.78
C ARG A 127 2.31 11.71 16.67
N MET A 128 2.19 11.30 15.42
CA MET A 128 2.65 12.13 14.31
C MET A 128 1.74 13.34 14.21
N THR A 129 2.21 14.50 14.69
CA THR A 129 1.40 15.70 14.67
C THR A 129 1.03 16.09 13.24
N GLN A 130 2.02 16.17 12.36
CA GLN A 130 1.78 16.49 10.95
C GLN A 130 2.18 15.32 10.06
N ALA A 139 -7.90 20.15 10.84
CA ALA A 139 -7.59 18.96 10.05
C ALA A 139 -8.82 18.47 9.28
N GLU A 140 -9.97 18.52 9.94
CA GLU A 140 -11.26 18.11 9.36
C GLU A 140 -11.33 16.58 9.29
N ASN A 141 -12.20 16.06 8.42
CA ASN A 141 -12.38 14.62 8.25
C ASN A 141 -11.18 14.09 7.47
N ILE A 142 -10.12 13.79 8.22
CA ILE A 142 -8.88 13.28 7.63
C ILE A 142 -9.15 11.97 6.88
N ASN A 143 -8.36 11.73 5.83
CA ASN A 143 -8.38 10.46 5.12
C ASN A 143 -7.23 9.58 5.59
N ALA A 144 -7.37 8.27 5.34
CA ALA A 144 -6.45 7.31 5.92
C ALA A 144 -5.03 7.47 5.39
N GLY A 145 -4.87 7.98 4.17
CA GLY A 145 -3.54 8.19 3.64
C GLY A 145 -2.78 9.27 4.40
N LEU A 146 -3.48 10.35 4.78
CA LEU A 146 -2.84 11.39 5.57
C LEU A 146 -2.35 10.83 6.90
N PHE A 147 -3.07 9.88 7.47
CA PHE A 147 -2.66 9.24 8.72
C PHE A 147 -1.50 8.28 8.48
N ASP A 148 -1.53 7.54 7.38
CA ASP A 148 -0.64 6.40 7.18
C ASP A 148 0.60 6.72 6.36
N TYR A 149 0.75 7.95 5.86
CA TYR A 149 1.82 8.22 4.91
C TYR A 149 3.21 8.11 5.53
N PRO A 150 3.38 8.30 6.85
CA PRO A 150 4.71 8.05 7.42
C PRO A 150 5.19 6.62 7.23
N VAL A 151 4.27 5.64 7.14
CA VAL A 151 4.68 4.27 6.85
C VAL A 151 5.19 4.16 5.43
N LEU A 152 4.49 4.77 4.47
CA LEU A 152 4.95 4.74 3.09
C LEU A 152 6.30 5.45 2.95
N MET A 153 6.52 6.52 3.72
CA MET A 153 7.83 7.17 3.70
C MET A 153 8.92 6.23 4.17
N ALA A 154 8.66 5.47 5.24
CA ALA A 154 9.63 4.48 5.68
C ALA A 154 9.90 3.46 4.59
N ALA A 155 8.85 3.02 3.90
CA ALA A 155 9.03 2.08 2.79
C ALA A 155 9.90 2.68 1.70
N ASP A 156 9.67 3.94 1.34
CA ASP A 156 10.45 4.56 0.28
C ASP A 156 11.93 4.54 0.62
N ILE A 157 12.26 4.85 1.88
CA ILE A 157 13.66 4.92 2.29
C ILE A 157 14.28 3.52 2.34
N LEU A 158 13.58 2.56 2.94
CA LEU A 158 14.19 1.27 3.26
C LEU A 158 14.34 0.36 2.05
N LEU A 159 13.55 0.57 0.99
CA LEU A 159 13.67 -0.27 -0.19
C LEU A 159 15.08 -0.26 -0.76
N TYR A 160 15.80 0.86 -0.64
CA TYR A 160 17.06 1.05 -1.36
C TYR A 160 18.26 0.93 -0.45
N GLN A 161 18.12 0.26 0.69
CA GLN A 161 19.23 0.07 1.61
C GLN A 161 19.87 1.41 1.94
N THR A 162 19.02 2.41 2.16
CA THR A 162 19.46 3.79 2.26
C THR A 162 20.29 4.01 3.51
N ASN A 163 21.39 4.76 3.35
CA ASN A 163 22.28 5.10 4.46
C ASN A 163 21.92 6.45 5.08
N GLN A 164 21.51 7.43 4.29
CA GLN A 164 21.30 8.79 4.79
C GLN A 164 20.11 9.43 4.09
N VAL A 165 19.31 10.14 4.87
CA VAL A 165 18.13 10.84 4.35
C VAL A 165 18.23 12.31 4.75
N PRO A 166 18.48 13.23 3.80
CA PRO A 166 18.57 14.66 4.16
C PRO A 166 17.21 15.33 4.36
N VAL A 167 16.63 15.15 5.55
CA VAL A 167 15.35 15.73 5.86
C VAL A 167 15.54 17.10 6.49
N GLY A 168 14.49 17.92 6.44
CA GLY A 168 14.44 19.15 7.19
C GLY A 168 14.04 18.88 8.63
N GLU A 169 14.04 19.97 9.41
CA GLU A 169 13.70 19.84 10.82
C GLU A 169 12.27 19.34 11.01
N ASP A 170 11.37 19.70 10.10
CA ASP A 170 9.96 19.35 10.22
C ASP A 170 9.64 17.93 9.73
N GLN A 171 10.63 17.21 9.22
CA GLN A 171 10.47 15.78 8.93
C GLN A 171 11.41 14.93 9.79
N LYS A 172 11.94 15.51 10.87
CA LYS A 172 12.80 14.76 11.78
C LYS A 172 12.06 13.59 12.39
N GLN A 173 10.81 13.82 12.83
CA GLN A 173 10.02 12.74 13.41
C GLN A 173 9.81 11.62 12.42
N HIS A 174 9.52 11.96 11.16
CA HIS A 174 9.27 10.93 10.15
C HIS A 174 10.49 10.05 9.94
N LEU A 175 11.68 10.65 9.86
CA LEU A 175 12.90 9.86 9.72
C LEU A 175 13.11 8.97 10.94
N GLU A 176 12.82 9.50 12.13
CA GLU A 176 13.04 8.72 13.34
C GLU A 176 12.11 7.51 13.40
N LEU A 177 10.88 7.67 12.90
CA LEU A 177 9.97 6.54 12.82
C LEU A 177 10.49 5.49 11.84
N SER A 178 11.02 5.94 10.69
CA SER A 178 11.58 4.99 9.73
CA SER A 178 11.58 5.00 9.73
C SER A 178 12.73 4.21 10.36
N ARG A 179 13.57 4.88 11.14
CA ARG A 179 14.67 4.17 11.81
C ARG A 179 14.13 3.17 12.82
N ASP A 180 13.10 3.55 13.58
CA ASP A 180 12.54 2.64 14.57
C ASP A 180 11.94 1.40 13.92
N VAL A 181 11.26 1.57 12.79
CA VAL A 181 10.63 0.44 12.14
C VAL A 181 11.68 -0.50 11.55
N ALA A 182 12.74 0.07 10.98
CA ALA A 182 13.82 -0.77 10.47
C ALA A 182 14.46 -1.57 11.60
N GLN A 183 14.73 -0.91 12.74
CA GLN A 183 15.30 -1.62 13.87
C GLN A 183 14.38 -2.72 14.38
N ARG A 184 13.07 -2.42 14.46
CA ARG A 184 12.11 -3.41 14.94
C ARG A 184 12.03 -4.61 14.02
N PHE A 185 11.99 -4.37 12.70
CA PHE A 185 11.95 -5.47 11.75
C PHE A 185 13.22 -6.31 11.84
N ASN A 186 14.37 -5.65 11.90
CA ASN A 186 15.63 -6.38 11.97
C ASN A 186 15.74 -7.18 13.26
N ALA A 187 15.18 -6.67 14.35
CA ALA A 187 15.24 -7.41 15.61
C ALA A 187 14.42 -8.69 15.57
N ILE A 188 13.45 -8.78 14.67
CA ILE A 188 12.64 -9.99 14.52
C ILE A 188 13.28 -10.97 13.54
N TYR A 189 13.71 -10.47 12.39
CA TYR A 189 14.05 -11.30 11.24
C TYR A 189 15.53 -11.32 10.91
N GLY A 190 16.34 -10.53 11.58
CA GLY A 190 17.72 -10.30 11.18
C GLY A 190 17.87 -9.05 10.34
N ASP A 191 19.12 -8.71 10.06
CA ASP A 191 19.45 -7.44 9.41
C ASP A 191 19.04 -7.48 7.93
N ILE A 192 17.76 -7.22 7.70
CA ILE A 192 17.23 -7.14 6.34
C ILE A 192 17.35 -5.72 5.79
N PHE A 193 17.10 -4.72 6.63
CA PHE A 193 17.17 -3.33 6.25
C PHE A 193 18.47 -2.70 6.71
N LYS A 194 18.93 -1.70 5.98
CA LYS A 194 19.87 -0.73 6.53
C LYS A 194 19.09 0.27 7.38
N VAL A 195 19.59 0.55 8.57
CA VAL A 195 18.98 1.58 9.41
C VAL A 195 19.51 2.92 8.91
N PRO A 196 18.65 3.83 8.43
CA PRO A 196 19.16 5.14 8.00
C PRO A 196 19.78 5.88 9.17
N GLU A 197 20.70 6.78 8.86
CA GLU A 197 21.41 7.49 9.90
C GLU A 197 20.49 8.51 10.58
N PRO A 198 20.74 8.83 11.86
CA PRO A 198 19.96 9.83 12.59
C PRO A 198 20.28 11.26 12.17
N ARG A 206 21.28 30.16 3.68
CA ARG A 206 20.08 30.36 4.49
C ARG A 206 19.35 31.62 4.07
N VAL A 207 18.40 31.48 3.16
CA VAL A 207 17.65 32.62 2.63
C VAL A 207 16.36 32.79 3.43
N MET A 208 16.01 34.05 3.66
CA MET A 208 14.84 34.43 4.44
C MET A 208 13.85 35.19 3.57
N SER A 209 12.62 35.31 4.08
CA SER A 209 11.58 36.04 3.37
C SER A 209 12.01 37.48 3.14
N LEU A 210 11.72 37.99 1.94
CA LEU A 210 12.18 39.33 1.58
C LEU A 210 11.54 40.40 2.47
N LEU A 211 10.25 40.28 2.75
CA LEU A 211 9.55 41.24 3.59
C LEU A 211 9.47 40.81 5.05
N GLU A 212 9.97 39.64 5.40
CA GLU A 212 9.97 39.14 6.77
C GLU A 212 11.24 38.34 7.00
N PRO A 213 12.39 39.03 7.09
CA PRO A 213 13.69 38.33 7.09
C PRO A 213 13.98 37.54 8.36
N THR A 214 13.07 37.48 9.32
CA THR A 214 13.24 36.63 10.50
C THR A 214 12.58 35.27 10.34
N LYS A 215 11.91 35.02 9.22
CA LYS A 215 11.32 33.72 8.91
C LYS A 215 11.87 33.24 7.57
N LYS A 216 12.22 31.97 7.49
CA LYS A 216 12.85 31.45 6.27
C LYS A 216 11.88 31.54 5.09
N MET A 217 12.46 31.65 3.90
CA MET A 217 11.65 31.79 2.69
C MET A 217 10.78 30.57 2.48
N SER A 218 9.45 30.77 2.45
CA SER A 218 8.50 29.67 2.45
C SER A 218 7.60 29.73 1.22
N LYS A 219 7.43 28.58 0.57
CA LYS A 219 6.48 28.48 -0.53
C LYS A 219 5.04 28.65 -0.04
N SER A 220 4.80 28.46 1.25
CA SER A 220 3.46 28.60 1.81
C SER A 220 3.12 30.03 2.21
N ASP A 221 4.08 30.94 2.15
CA ASP A 221 3.83 32.31 2.60
C ASP A 221 2.63 32.90 1.87
N ASP A 222 1.69 33.45 2.62
CA ASP A 222 0.49 34.03 2.01
C ASP A 222 0.87 35.18 1.08
N ASN A 223 1.76 36.06 1.52
CA ASN A 223 2.27 37.14 0.68
C ASN A 223 3.39 36.57 -0.18
N ARG A 224 3.08 36.31 -1.45
CA ARG A 224 4.05 35.71 -2.36
C ARG A 224 5.23 36.62 -2.66
N ASN A 225 5.15 37.91 -2.32
CA ASN A 225 6.29 38.80 -2.48
C ASN A 225 7.39 38.54 -1.46
N ASN A 226 7.22 37.55 -0.58
CA ASN A 226 8.29 37.08 0.29
C ASN A 226 9.15 36.00 -0.33
N VAL A 227 8.77 35.49 -1.50
CA VAL A 227 9.32 34.26 -2.03
C VAL A 227 9.84 34.49 -3.45
N ILE A 228 11.01 33.93 -3.73
CA ILE A 228 11.57 33.87 -5.08
C ILE A 228 11.65 32.41 -5.47
N GLY A 229 10.97 32.05 -6.55
CA GLY A 229 11.01 30.69 -7.07
C GLY A 229 12.05 30.53 -8.15
N LEU A 230 12.55 29.30 -8.30
CA LEU A 230 13.50 29.04 -9.37
C LEU A 230 12.94 29.40 -10.72
N LEU A 231 11.62 29.28 -10.91
CA LEU A 231 10.96 29.59 -12.17
C LEU A 231 10.18 30.90 -12.09
N GLU A 232 10.70 31.87 -11.35
CA GLU A 232 10.12 33.20 -11.28
C GLU A 232 10.72 34.07 -12.38
N ASP A 233 9.87 34.79 -13.11
CA ASP A 233 10.34 35.58 -14.23
C ASP A 233 11.40 36.57 -13.76
N PRO A 234 12.51 36.74 -14.48
CA PRO A 234 13.60 37.58 -13.99
C PRO A 234 13.17 38.99 -13.60
N LYS A 235 12.31 39.63 -14.39
CA LYS A 235 11.85 40.97 -14.04
C LYS A 235 11.09 40.96 -12.72
N SER A 236 10.25 39.94 -12.51
CA SER A 236 9.52 39.83 -11.25
C SER A 236 10.46 39.65 -10.07
N VAL A 237 11.51 38.84 -10.25
CA VAL A 237 12.45 38.60 -9.16
C VAL A 237 13.17 39.90 -8.79
N VAL A 238 13.54 40.69 -9.80
CA VAL A 238 14.24 41.94 -9.54
C VAL A 238 13.33 42.91 -8.81
N LYS A 239 12.03 42.91 -9.15
CA LYS A 239 11.09 43.81 -8.49
C LYS A 239 10.98 43.50 -7.00
N LYS A 240 10.82 42.22 -6.66
CA LYS A 240 10.69 41.83 -5.26
C LYS A 240 11.96 42.14 -4.49
N ILE A 241 13.13 41.88 -5.10
CA ILE A 241 14.39 42.21 -4.46
C ILE A 241 14.48 43.72 -4.23
N LYS A 242 13.99 44.51 -5.19
CA LYS A 242 14.03 45.96 -5.05
C LYS A 242 13.17 46.45 -3.89
N ARG A 243 12.10 45.72 -3.57
CA ARG A 243 11.20 46.06 -2.48
C ARG A 243 11.51 45.29 -1.20
N ALA A 244 12.60 44.53 -1.16
CA ALA A 244 12.95 43.77 0.04
C ALA A 244 13.19 44.73 1.20
N VAL A 245 12.79 44.29 2.40
CA VAL A 245 12.86 45.16 3.56
C VAL A 245 14.32 45.41 3.93
N THR A 246 14.57 46.57 4.53
CA THR A 246 15.89 46.94 5.04
C THR A 246 15.66 47.63 6.38
N ASP A 247 16.69 48.29 6.89
CA ASP A 247 16.62 49.02 8.15
C ASP A 247 16.67 50.52 7.89
N SER A 248 16.70 51.30 8.97
CA SER A 248 16.59 52.74 8.92
C SER A 248 17.83 53.44 9.47
N ASP A 249 18.99 52.81 9.33
CA ASP A 249 20.23 53.44 9.79
C ASP A 249 20.46 54.73 9.04
N GLU A 250 20.80 55.78 9.79
CA GLU A 250 21.10 57.09 9.22
C GLU A 250 22.56 57.43 9.48
N PRO A 251 23.45 57.37 8.46
CA PRO A 251 23.23 57.00 7.06
C PRO A 251 23.19 55.49 6.87
N PRO A 252 22.71 55.00 5.73
CA PRO A 252 22.70 53.55 5.50
C PRO A 252 24.09 52.95 5.59
N VAL A 253 24.17 51.77 6.20
CA VAL A 253 25.39 51.00 6.31
C VAL A 253 25.10 49.58 5.84
N VAL A 254 26.00 49.03 5.03
CA VAL A 254 25.88 47.67 4.52
C VAL A 254 26.84 46.82 5.32
N ARG A 255 26.31 46.13 6.34
CA ARG A 255 27.14 45.37 7.27
C ARG A 255 26.30 44.23 7.83
N TYR A 256 26.90 43.05 7.91
CA TYR A 256 26.20 41.83 8.32
C TYR A 256 26.02 41.85 9.83
N ASP A 257 24.81 42.16 10.27
CA ASP A 257 24.41 42.04 11.67
C ASP A 257 22.95 41.60 11.66
N VAL A 258 22.72 40.32 11.91
CA VAL A 258 21.38 39.76 11.78
C VAL A 258 20.45 40.28 12.87
N GLN A 259 20.99 40.67 14.03
CA GLN A 259 20.14 41.07 15.15
C GLN A 259 19.45 42.41 14.87
N ASN A 260 20.20 43.40 14.41
CA ASN A 260 19.68 44.76 14.26
C ASN A 260 19.34 45.14 12.84
N LYS A 261 19.87 44.43 11.85
CA LYS A 261 19.73 44.77 10.44
C LYS A 261 19.32 43.52 9.64
N ALA A 262 18.28 42.83 10.11
CA ALA A 262 17.90 41.56 9.50
C ALA A 262 17.69 41.68 8.00
N GLY A 263 17.14 42.82 7.54
CA GLY A 263 16.86 42.97 6.13
C GLY A 263 18.11 43.00 5.27
N VAL A 264 19.14 43.73 5.71
CA VAL A 264 20.37 43.86 4.94
C VAL A 264 21.21 42.60 5.05
N SER A 265 21.24 41.98 6.23
CA SER A 265 21.99 40.73 6.40
C SER A 265 21.45 39.65 5.49
N ASN A 266 20.12 39.58 5.34
CA ASN A 266 19.52 38.57 4.48
C ASN A 266 19.97 38.74 3.03
N LEU A 267 19.98 39.98 2.54
CA LEU A 267 20.43 40.24 1.17
C LEU A 267 21.90 39.91 1.00
N LEU A 268 22.70 40.00 2.07
CA LEU A 268 24.11 39.64 1.98
C LEU A 268 24.30 38.13 1.97
N ASP A 269 23.46 37.39 2.68
CA ASP A 269 23.54 35.93 2.62
C ASP A 269 23.15 35.42 1.24
N ILE A 270 22.09 35.98 0.65
CA ILE A 270 21.67 35.59 -0.69
C ILE A 270 22.79 35.89 -1.68
N LEU A 271 23.36 37.09 -1.59
CA LEU A 271 24.43 37.48 -2.51
C LEU A 271 25.65 36.59 -2.33
N SER A 272 25.97 36.24 -1.09
CA SER A 272 27.10 35.34 -0.83
C SER A 272 26.83 33.95 -1.38
N ALA A 273 25.57 33.54 -1.43
CA ALA A 273 25.24 32.19 -1.88
C ALA A 273 25.34 32.06 -3.40
N VAL A 274 24.77 33.02 -4.13
CA VAL A 274 24.76 32.94 -5.59
C VAL A 274 26.19 33.00 -6.13
N THR A 275 26.99 33.92 -5.60
CA THR A 275 28.28 34.25 -6.19
C THR A 275 29.46 33.56 -5.53
N GLY A 276 29.32 33.11 -4.29
CA GLY A 276 30.40 32.46 -3.58
C GLY A 276 31.34 33.39 -2.84
N GLN A 277 31.21 34.70 -3.04
CA GLN A 277 32.06 35.66 -2.34
C GLN A 277 31.80 35.58 -0.84
N SER A 278 32.87 35.58 -0.06
CA SER A 278 32.73 35.62 1.39
C SER A 278 32.09 36.94 1.81
N ILE A 279 31.28 36.89 2.86
CA ILE A 279 30.50 38.07 3.26
C ILE A 279 31.40 39.26 3.57
N PRO A 280 32.51 39.12 4.30
CA PRO A 280 33.36 40.30 4.53
C PRO A 280 33.85 40.94 3.25
N GLU A 281 33.98 40.17 2.17
CA GLU A 281 34.35 40.78 0.89
C GLU A 281 33.29 41.76 0.43
N LEU A 282 32.01 41.39 0.60
CA LEU A 282 30.92 42.28 0.20
C LEU A 282 30.79 43.47 1.14
N GLU A 283 31.09 43.28 2.44
CA GLU A 283 31.15 44.42 3.35
C GLU A 283 32.20 45.42 2.88
N GLN A 284 33.29 44.94 2.28
CA GLN A 284 34.33 45.81 1.78
C GLN A 284 33.99 46.37 0.41
N HIS A 285 33.22 45.62 -0.38
CA HIS A 285 32.78 46.09 -1.69
C HIS A 285 31.68 47.14 -1.59
N PHE A 286 30.89 47.09 -0.51
CA PHE A 286 29.78 48.01 -0.30
C PHE A 286 30.08 49.06 0.76
N GLU A 287 31.34 49.21 1.15
CA GLU A 287 31.74 50.30 2.03
C GLU A 287 31.43 51.63 1.36
N GLY A 288 30.49 52.39 1.94
CA GLY A 288 30.08 53.66 1.37
C GLY A 288 29.00 53.58 0.32
N LYS A 289 28.56 52.38 -0.04
CA LYS A 289 27.47 52.20 -0.99
C LYS A 289 26.12 52.17 -0.25
N MET A 290 25.07 52.49 -0.99
CA MET A 290 23.73 52.56 -0.42
C MET A 290 23.04 51.21 -0.50
N TYR A 291 21.82 51.13 0.05
CA TYR A 291 21.07 49.89 0.01
C TYR A 291 20.58 49.57 -1.40
N GLY A 292 20.21 50.61 -2.16
CA GLY A 292 19.78 50.39 -3.53
C GLY A 292 20.86 49.78 -4.40
N HIS A 293 22.12 50.10 -4.14
CA HIS A 293 23.21 49.45 -4.84
C HIS A 293 23.23 47.96 -4.54
N LEU A 294 23.04 47.58 -3.28
CA LEU A 294 23.05 46.18 -2.91
C LEU A 294 21.85 45.44 -3.49
N LYS A 295 20.69 46.08 -3.53
CA LYS A 295 19.51 45.45 -4.13
C LYS A 295 19.69 45.23 -5.62
N GLY A 296 20.34 46.17 -6.30
CA GLY A 296 20.68 45.97 -7.70
C GLY A 296 21.67 44.84 -7.91
N GLU A 297 22.58 44.65 -6.95
CA GLU A 297 23.57 43.58 -7.06
C GLU A 297 22.95 42.21 -6.82
N VAL A 298 22.07 42.11 -5.82
CA VAL A 298 21.38 40.84 -5.56
C VAL A 298 20.46 40.51 -6.71
N ALA A 299 19.69 41.49 -7.19
CA ALA A 299 18.74 41.23 -8.26
C ALA A 299 19.45 40.78 -9.53
N GLU A 300 20.58 41.40 -9.86
CA GLU A 300 21.33 41.01 -11.05
C GLU A 300 21.90 39.60 -10.91
N ALA A 301 22.53 39.31 -9.76
CA ALA A 301 23.14 38.01 -9.57
C ALA A 301 22.09 36.90 -9.53
N VAL A 302 21.07 37.07 -8.69
CA VAL A 302 19.96 36.12 -8.63
C VAL A 302 19.38 35.92 -10.01
N SER A 303 19.14 37.02 -10.73
CA SER A 303 18.52 36.92 -12.04
C SER A 303 19.38 36.12 -13.00
N GLY A 304 20.70 36.31 -12.95
CA GLY A 304 21.58 35.56 -13.82
C GLY A 304 21.56 34.07 -13.52
N MET A 305 21.53 33.71 -12.23
CA MET A 305 21.45 32.30 -11.86
C MET A 305 20.15 31.67 -12.34
N LEU A 306 19.04 32.40 -12.21
CA LEU A 306 17.74 31.87 -12.61
C LEU A 306 17.58 31.80 -14.11
N THR A 307 18.31 32.62 -14.87
CA THR A 307 18.15 32.60 -16.32
C THR A 307 18.86 31.41 -16.96
N GLU A 308 20.00 30.98 -16.38
CA GLU A 308 20.63 29.76 -16.87
C GLU A 308 19.80 28.53 -16.47
N LEU A 309 19.31 28.51 -15.23
CA LEU A 309 18.49 27.38 -14.78
C LEU A 309 17.20 27.29 -15.58
N GLN A 310 16.55 28.43 -15.82
CA GLN A 310 15.30 28.41 -16.57
C GLN A 310 15.52 28.08 -18.03
N GLU A 311 16.68 28.42 -18.59
CA GLU A 311 16.97 28.04 -19.96
C GLU A 311 17.03 26.52 -20.11
N ARG A 312 17.72 25.85 -19.18
CA ARG A 312 17.76 24.40 -19.20
C ARG A 312 16.38 23.80 -18.89
N TYR A 313 15.64 24.40 -17.97
CA TYR A 313 14.35 23.87 -17.58
C TYR A 313 13.39 23.83 -18.76
N HIS A 314 13.26 24.95 -19.47
CA HIS A 314 12.31 25.00 -20.58
C HIS A 314 12.72 24.05 -21.70
N ARG A 315 14.03 23.83 -21.87
CA ARG A 315 14.48 22.88 -22.86
C ARG A 315 14.08 21.45 -22.49
N PHE A 316 14.33 21.05 -21.25
CA PHE A 316 13.94 19.72 -20.79
C PHE A 316 12.42 19.57 -20.78
N ARG A 317 11.72 20.59 -20.29
CA ARG A 317 10.29 20.45 -20.05
C ARG A 317 9.51 20.40 -21.36
N ASN A 318 10.06 20.99 -22.40
CA ASN A 318 9.44 21.00 -23.72
C ASN A 318 9.77 19.74 -24.52
N ASP A 319 10.62 18.87 -23.99
CA ASP A 319 10.97 17.60 -24.63
C ASP A 319 10.37 16.47 -23.80
N GLU A 320 9.10 16.19 -24.05
CA GLU A 320 8.39 15.18 -23.26
C GLU A 320 8.89 13.78 -23.57
N ALA A 321 9.39 13.56 -24.80
CA ALA A 321 9.99 12.27 -25.11
C ALA A 321 11.22 12.02 -24.25
N PHE A 322 12.05 13.05 -24.06
CA PHE A 322 13.22 12.91 -23.20
C PHE A 322 12.81 12.61 -21.76
N LEU A 323 11.79 13.32 -21.25
CA LEU A 323 11.34 13.08 -19.89
C LEU A 323 10.79 11.66 -19.73
N ASN A 324 10.08 11.18 -20.75
CA ASN A 324 9.53 9.83 -20.69
C ASN A 324 10.64 8.78 -20.61
N GLN A 325 11.71 8.97 -21.38
CA GLN A 325 12.81 8.01 -21.35
C GLN A 325 13.58 8.08 -20.04
N VAL A 326 13.69 9.27 -19.45
CA VAL A 326 14.32 9.38 -18.15
C VAL A 326 13.48 8.66 -17.10
N MET A 327 12.15 8.82 -17.15
CA MET A 327 11.30 8.13 -16.19
C MET A 327 11.32 6.62 -16.39
N LYS A 328 11.41 6.19 -17.64
CA LYS A 328 11.50 4.75 -17.91
C LYS A 328 12.78 4.19 -17.29
N GLU A 329 13.93 4.75 -17.66
CA GLU A 329 15.21 4.26 -17.15
C GLU A 329 15.28 4.36 -15.64
N GLY A 330 14.85 5.49 -15.08
CA GLY A 330 14.90 5.66 -13.64
C GLY A 330 14.06 4.64 -12.91
N ALA A 331 12.87 4.33 -13.45
CA ALA A 331 12.01 3.36 -12.79
C ALA A 331 12.55 1.95 -12.92
N GLU A 332 13.23 1.62 -14.02
CA GLU A 332 13.83 0.29 -14.16
C GLU A 332 14.96 0.11 -13.15
N LYS A 333 15.82 1.11 -13.01
CA LYS A 333 16.89 1.04 -12.03
C LYS A 333 16.32 0.96 -10.62
N ALA A 334 15.33 1.78 -10.31
CA ALA A 334 14.75 1.78 -8.97
C ALA A 334 14.11 0.44 -8.65
N SER A 335 13.37 -0.13 -9.61
CA SER A 335 12.75 -1.43 -9.38
C SER A 335 13.78 -2.53 -9.22
N ALA A 336 14.91 -2.44 -9.94
CA ALA A 336 15.93 -3.47 -9.83
C ALA A 336 16.49 -3.55 -8.42
N HIS A 337 16.78 -2.40 -7.81
CA HIS A 337 17.27 -2.40 -6.43
C HIS A 337 16.15 -2.70 -5.45
N ALA A 338 14.98 -2.08 -5.65
CA ALA A 338 13.90 -2.20 -4.68
C ALA A 338 13.40 -3.64 -4.59
N SER A 339 13.35 -4.33 -5.73
CA SER A 339 12.83 -5.70 -5.71
C SER A 339 13.73 -6.63 -4.90
N LYS A 340 15.03 -6.41 -4.92
CA LYS A 340 15.92 -7.23 -4.09
C LYS A 340 15.53 -7.13 -2.63
N THR A 341 15.33 -5.90 -2.14
CA THR A 341 14.98 -5.72 -0.74
C THR A 341 13.58 -6.27 -0.44
N LEU A 342 12.61 -6.02 -1.34
CA LEU A 342 11.25 -6.49 -1.08
C LEU A 342 11.19 -8.01 -1.02
N LYS A 343 11.90 -8.68 -1.93
CA LYS A 343 11.87 -10.14 -1.93
C LYS A 343 12.51 -10.71 -0.67
N ALA A 344 13.56 -10.05 -0.16
CA ALA A 344 14.15 -10.47 1.10
C ALA A 344 13.17 -10.26 2.26
N VAL A 345 12.40 -9.16 2.21
CA VAL A 345 11.40 -8.92 3.25
C VAL A 345 10.32 -9.99 3.21
N TYR A 346 9.84 -10.32 2.01
CA TYR A 346 8.80 -11.33 1.88
C TYR A 346 9.28 -12.70 2.30
N GLU A 347 10.56 -13.01 2.05
CA GLU A 347 11.11 -14.31 2.45
C GLU A 347 11.25 -14.41 3.96
N ALA A 348 11.62 -13.31 4.62
CA ALA A 348 11.71 -13.33 6.07
C ALA A 348 10.33 -13.44 6.72
N ILE A 349 9.34 -12.74 6.16
CA ILE A 349 8.00 -12.73 6.74
C ILE A 349 7.36 -14.11 6.65
N GLY A 350 7.64 -14.84 5.57
CA GLY A 350 7.07 -16.17 5.40
C GLY A 350 6.18 -16.30 4.18
N PHE A 351 6.10 -15.27 3.34
CA PHE A 351 5.36 -15.38 2.10
C PHE A 351 6.00 -16.42 1.17
N VAL A 352 5.15 -17.11 0.41
CA VAL A 352 5.64 -17.93 -0.69
C VAL A 352 6.27 -17.01 -1.73
N ALA A 353 7.48 -17.34 -2.15
CA ALA A 353 8.16 -16.55 -3.15
C ALA A 353 7.38 -16.56 -4.46
N LYS A 354 7.23 -15.39 -5.07
CA LYS A 354 6.55 -15.31 -6.36
C LYS A 354 7.35 -16.10 -7.40
N PRO A 355 6.74 -17.09 -8.07
CA PRO A 355 7.51 -17.87 -9.05
C PRO A 355 7.74 -17.13 -10.36
N THR B 23 -18.68 -12.12 -21.41
CA THR B 23 -18.09 -11.91 -20.09
C THR B 23 -19.10 -12.22 -19.00
N LYS B 24 -18.71 -13.10 -18.08
CA LYS B 24 -19.59 -13.59 -17.03
C LYS B 24 -19.51 -12.69 -15.79
N PRO B 25 -20.50 -12.78 -14.90
CA PRO B 25 -20.40 -12.06 -13.63
C PRO B 25 -19.17 -12.48 -12.86
N ILE B 26 -18.47 -11.50 -12.29
CA ILE B 26 -17.21 -11.73 -11.58
C ILE B 26 -17.52 -11.86 -10.10
N VAL B 27 -17.03 -12.94 -9.49
CA VAL B 27 -17.22 -13.23 -8.08
C VAL B 27 -15.85 -13.32 -7.43
N PHE B 28 -15.66 -12.59 -6.34
CA PHE B 28 -14.38 -12.54 -5.64
C PHE B 28 -14.55 -13.09 -4.23
N SER B 29 -13.66 -13.99 -3.84
CA SER B 29 -13.67 -14.54 -2.49
C SER B 29 -12.24 -14.57 -1.96
N GLY B 30 -12.10 -14.15 -0.71
CA GLY B 30 -10.81 -14.20 -0.03
C GLY B 30 -10.71 -15.47 0.82
N ALA B 31 -9.51 -16.04 0.87
CA ALA B 31 -9.25 -17.29 1.57
C ALA B 31 -8.07 -17.07 2.52
N GLN B 32 -8.34 -17.14 3.81
CA GLN B 32 -7.28 -16.99 4.79
C GLN B 32 -6.30 -18.15 4.69
N PRO B 33 -4.99 -17.91 4.68
CA PRO B 33 -4.04 -19.03 4.63
C PRO B 33 -4.20 -20.00 5.79
N SER B 34 -4.46 -19.49 6.99
CA SER B 34 -4.64 -20.35 8.14
C SER B 34 -6.04 -20.94 8.23
N GLY B 35 -6.97 -20.45 7.39
CA GLY B 35 -8.34 -20.89 7.45
C GLY B 35 -8.49 -22.40 7.35
N GLU B 36 -9.43 -22.96 8.10
CA GLU B 36 -9.75 -24.37 8.08
C GLU B 36 -11.15 -24.54 7.52
N LEU B 37 -11.25 -25.10 6.32
CA LEU B 37 -12.54 -25.33 5.69
C LEU B 37 -13.23 -26.52 6.34
N THR B 38 -14.48 -26.32 6.75
CA THR B 38 -15.26 -27.38 7.37
C THR B 38 -16.13 -28.06 6.32
N ILE B 39 -16.79 -29.14 6.76
CA ILE B 39 -17.77 -29.80 5.91
C ILE B 39 -18.92 -28.86 5.60
N GLY B 40 -19.22 -27.93 6.51
CA GLY B 40 -20.22 -26.91 6.23
C GLY B 40 -19.78 -25.98 5.12
N ASN B 41 -18.51 -25.54 5.15
CA ASN B 41 -18.01 -24.70 4.08
C ASN B 41 -18.08 -25.40 2.73
N TYR B 42 -17.91 -26.73 2.71
CA TYR B 42 -17.85 -27.45 1.45
C TYR B 42 -19.24 -27.75 0.90
N MET B 43 -20.01 -28.58 1.62
CA MET B 43 -21.31 -28.99 1.09
C MET B 43 -22.27 -27.80 0.96
N GLY B 44 -22.13 -26.80 1.82
CA GLY B 44 -22.97 -25.63 1.76
C GLY B 44 -22.67 -24.75 0.56
N ALA B 45 -21.42 -24.31 0.43
CA ALA B 45 -21.05 -23.31 -0.58
C ALA B 45 -20.08 -23.82 -1.62
N LEU B 46 -18.89 -24.30 -1.21
CA LEU B 46 -17.79 -24.46 -2.16
C LEU B 46 -18.07 -25.57 -3.15
N ARG B 47 -18.85 -26.57 -2.77
CA ARG B 47 -19.18 -27.65 -3.70
C ARG B 47 -20.04 -27.14 -4.85
N GLN B 48 -20.94 -26.20 -4.57
CA GLN B 48 -21.72 -25.59 -5.63
C GLN B 48 -20.88 -24.65 -6.48
N TRP B 49 -20.02 -23.84 -5.84
CA TRP B 49 -19.20 -22.90 -6.60
C TRP B 49 -18.34 -23.61 -7.64
N VAL B 50 -17.87 -24.83 -7.33
CA VAL B 50 -17.07 -25.59 -8.27
C VAL B 50 -17.86 -25.89 -9.53
N ASN B 51 -19.13 -26.26 -9.37
CA ASN B 51 -19.96 -26.61 -10.53
C ASN B 51 -20.40 -25.40 -11.33
N MET B 52 -20.17 -24.18 -10.84
CA MET B 52 -20.60 -22.96 -11.51
C MET B 52 -19.43 -22.12 -12.01
N GLN B 53 -18.27 -22.73 -12.21
CA GLN B 53 -17.12 -21.99 -12.73
C GLN B 53 -17.27 -21.66 -14.21
N ASP B 54 -18.17 -22.33 -14.91
CA ASP B 54 -18.49 -21.96 -16.29
C ASP B 54 -19.54 -20.87 -16.38
N ASP B 55 -20.29 -20.63 -15.31
CA ASP B 55 -21.32 -19.60 -15.30
C ASP B 55 -20.82 -18.27 -14.75
N TYR B 56 -19.78 -18.30 -13.92
CA TYR B 56 -19.20 -17.10 -13.34
C TYR B 56 -17.70 -17.10 -13.59
N HIS B 57 -17.12 -15.91 -13.58
CA HIS B 57 -15.66 -15.77 -13.51
C HIS B 57 -15.31 -15.66 -12.03
N CYS B 58 -14.96 -16.79 -11.43
CA CYS B 58 -14.68 -16.87 -10.01
C CYS B 58 -13.23 -16.56 -9.72
N ILE B 59 -13.00 -15.79 -8.65
CA ILE B 59 -11.68 -15.33 -8.25
C ILE B 59 -11.47 -15.72 -6.81
N TYR B 60 -10.40 -16.49 -6.55
CA TYR B 60 -10.04 -16.92 -5.19
C TYR B 60 -8.67 -16.35 -4.87
N CYS B 61 -8.60 -15.48 -3.89
CA CYS B 61 -7.38 -14.80 -3.49
C CYS B 61 -6.97 -15.30 -2.11
N ILE B 62 -5.77 -15.88 -2.01
CA ILE B 62 -5.23 -16.36 -0.74
C ILE B 62 -4.51 -15.18 -0.10
N VAL B 63 -5.11 -14.62 0.94
CA VAL B 63 -4.77 -13.24 1.38
C VAL B 63 -3.67 -13.37 2.44
N ASP B 64 -2.44 -13.56 1.97
CA ASP B 64 -1.32 -13.60 2.90
C ASP B 64 -0.92 -12.21 3.39
N GLN B 65 -1.24 -11.15 2.65
CA GLN B 65 -0.94 -9.81 3.14
C GLN B 65 -1.91 -9.38 4.26
N HIS B 66 -3.14 -9.88 4.23
CA HIS B 66 -4.03 -9.69 5.36
C HIS B 66 -3.61 -10.52 6.57
N ALA B 67 -3.00 -11.68 6.33
CA ALA B 67 -2.67 -12.59 7.43
C ALA B 67 -1.61 -12.00 8.34
N ILE B 68 -0.66 -11.22 7.80
CA ILE B 68 0.43 -10.71 8.61
C ILE B 68 0.04 -9.50 9.45
N THR B 69 -1.23 -9.09 9.44
CA THR B 69 -1.71 -8.16 10.45
C THR B 69 -1.68 -8.78 11.84
N VAL B 70 -1.51 -10.09 11.91
CA VAL B 70 -1.23 -10.81 13.15
C VAL B 70 0.14 -11.43 13.00
N ARG B 71 0.98 -11.29 14.02
CA ARG B 71 2.32 -11.86 13.97
C ARG B 71 2.23 -13.34 13.61
N GLN B 72 3.04 -13.73 12.64
CA GLN B 72 3.00 -15.06 12.05
C GLN B 72 4.39 -15.69 12.13
N ASP B 73 4.43 -16.96 12.50
CA ASP B 73 5.67 -17.71 12.34
C ASP B 73 5.94 -17.88 10.85
N PRO B 74 7.10 -17.46 10.33
CA PRO B 74 7.27 -17.46 8.87
C PRO B 74 7.10 -18.84 8.23
N GLN B 75 7.66 -19.88 8.84
CA GLN B 75 7.57 -21.22 8.25
C GLN B 75 6.13 -21.70 8.19
N ASN B 76 5.35 -21.42 9.24
CA ASN B 76 3.95 -21.82 9.25
C ASN B 76 3.12 -21.01 8.26
N LEU B 77 3.45 -19.74 8.06
CA LEU B 77 2.72 -18.93 7.09
C LEU B 77 2.93 -19.48 5.68
N ARG B 78 4.18 -19.77 5.33
CA ARG B 78 4.48 -20.30 4.00
C ARG B 78 3.80 -21.66 3.78
N LYS B 79 3.89 -22.54 4.77
CA LYS B 79 3.25 -23.85 4.66
C LYS B 79 1.74 -23.72 4.55
N ALA B 80 1.14 -22.82 5.33
CA ALA B 80 -0.32 -22.71 5.33
C ALA B 80 -0.84 -22.13 4.02
N THR B 81 -0.04 -21.29 3.35
CA THR B 81 -0.44 -20.78 2.05
C THR B 81 -0.52 -21.90 1.03
N LEU B 82 0.46 -22.80 1.04
CA LEU B 82 0.44 -23.94 0.14
C LEU B 82 -0.67 -24.92 0.51
N ASP B 83 -0.89 -25.15 1.81
CA ASP B 83 -2.00 -25.99 2.24
C ASP B 83 -3.32 -25.50 1.65
N THR B 84 -3.57 -24.19 1.78
CA THR B 84 -4.83 -23.62 1.32
C THR B 84 -4.97 -23.73 -0.19
N LEU B 85 -3.89 -23.44 -0.93
CA LEU B 85 -3.96 -23.57 -2.38
C LEU B 85 -4.30 -24.98 -2.79
N ALA B 86 -3.60 -25.96 -2.23
CA ALA B 86 -3.82 -27.35 -2.61
C ALA B 86 -5.22 -27.81 -2.26
N LEU B 87 -5.77 -27.32 -1.15
CA LEU B 87 -7.11 -27.75 -0.74
C LEU B 87 -8.18 -27.24 -1.70
N TYR B 88 -8.09 -25.97 -2.11
CA TYR B 88 -9.05 -25.44 -3.08
C TYR B 88 -8.94 -26.15 -4.41
N LEU B 89 -7.71 -26.43 -4.85
CA LEU B 89 -7.52 -27.26 -6.05
C LEU B 89 -8.12 -28.64 -5.85
N ALA B 90 -8.00 -29.20 -4.65
CA ALA B 90 -8.58 -30.51 -4.37
C ALA B 90 -10.09 -30.46 -4.45
N CYS B 91 -10.70 -29.37 -3.99
CA CYS B 91 -12.15 -29.24 -4.08
C CYS B 91 -12.62 -29.06 -5.52
N GLY B 92 -11.72 -28.78 -6.45
CA GLY B 92 -12.07 -28.69 -7.85
C GLY B 92 -11.94 -27.31 -8.47
N ILE B 93 -11.37 -26.34 -7.76
CA ILE B 93 -11.14 -25.04 -8.38
C ILE B 93 -10.14 -25.22 -9.52
N ASP B 94 -10.52 -24.75 -10.70
CA ASP B 94 -9.79 -25.00 -11.94
C ASP B 94 -8.94 -23.78 -12.25
N PRO B 95 -7.60 -23.89 -12.26
CA PRO B 95 -6.78 -22.68 -12.46
C PRO B 95 -6.98 -22.01 -13.81
N GLN B 96 -7.50 -22.71 -14.80
CA GLN B 96 -7.74 -22.10 -16.10
C GLN B 96 -9.13 -21.47 -16.21
N LYS B 97 -10.16 -22.10 -15.64
CA LYS B 97 -11.48 -21.47 -15.65
C LYS B 97 -11.55 -20.30 -14.68
N SER B 98 -11.02 -20.49 -13.48
CA SER B 98 -11.03 -19.48 -12.42
C SER B 98 -9.66 -18.86 -12.27
N THR B 99 -9.61 -17.82 -11.45
CA THR B 99 -8.37 -17.12 -11.13
C THR B 99 -8.07 -17.35 -9.66
N ILE B 100 -7.14 -18.23 -9.36
CA ILE B 100 -6.72 -18.52 -8.00
C ILE B 100 -5.23 -18.21 -7.88
N PHE B 101 -4.89 -17.42 -6.86
CA PHE B 101 -3.55 -16.85 -6.76
C PHE B 101 -3.28 -16.45 -5.32
N VAL B 102 -2.01 -16.20 -5.02
CA VAL B 102 -1.57 -15.68 -3.73
C VAL B 102 -1.51 -14.15 -3.82
N GLN B 103 -2.07 -13.50 -2.80
CA GLN B 103 -2.27 -12.05 -2.87
C GLN B 103 -0.96 -11.29 -3.06
N SER B 104 0.08 -11.66 -2.32
CA SER B 104 1.36 -10.96 -2.38
C SER B 104 2.06 -11.07 -3.73
N HIS B 105 1.64 -12.01 -4.59
CA HIS B 105 2.24 -12.15 -5.91
C HIS B 105 1.72 -11.14 -6.91
N VAL B 106 0.71 -10.37 -6.54
CA VAL B 106 0.07 -9.40 -7.43
C VAL B 106 0.26 -8.01 -6.85
N PRO B 107 1.28 -7.27 -7.31
CA PRO B 107 1.54 -5.95 -6.71
C PRO B 107 0.34 -5.02 -6.74
N GLU B 108 -0.56 -5.18 -7.70
CA GLU B 108 -1.67 -4.24 -7.87
C GLU B 108 -2.53 -4.16 -6.62
N HIS B 109 -2.56 -5.20 -5.79
CA HIS B 109 -3.38 -5.12 -4.59
C HIS B 109 -2.85 -4.06 -3.64
N ALA B 110 -1.54 -4.03 -3.42
CA ALA B 110 -0.97 -3.01 -2.53
C ALA B 110 -1.04 -1.63 -3.16
N GLN B 111 -0.83 -1.53 -4.48
CA GLN B 111 -0.89 -0.24 -5.14
C GLN B 111 -2.26 0.39 -5.00
N LEU B 112 -3.32 -0.35 -5.35
CA LEU B 112 -4.67 0.19 -5.19
C LEU B 112 -5.01 0.37 -3.71
N GLY B 113 -4.46 -0.48 -2.84
CA GLY B 113 -4.70 -0.30 -1.42
C GLY B 113 -4.24 1.05 -0.92
N TRP B 114 -3.04 1.47 -1.36
CA TRP B 114 -2.56 2.78 -0.95
C TRP B 114 -3.44 3.91 -1.53
N ALA B 115 -3.77 3.82 -2.81
CA ALA B 115 -4.54 4.88 -3.45
C ALA B 115 -5.90 5.05 -2.79
N LEU B 116 -6.54 3.94 -2.43
CA LEU B 116 -7.85 4.02 -1.79
C LEU B 116 -7.77 4.50 -0.35
N ASN B 117 -6.57 4.47 0.26
CA ASN B 117 -6.42 5.10 1.58
C ASN B 117 -6.77 6.59 1.51
N CYS B 118 -6.47 7.24 0.39
CA CYS B 118 -6.70 8.66 0.23
C CYS B 118 -8.15 8.99 -0.05
N TYR B 119 -9.00 7.98 -0.26
CA TYR B 119 -10.43 8.18 -0.45
C TYR B 119 -11.23 7.45 0.62
N THR B 120 -10.58 7.04 1.70
CA THR B 120 -11.22 6.43 2.85
C THR B 120 -11.04 7.37 4.04
N TYR B 121 -12.10 7.62 4.78
CA TYR B 121 -12.02 8.47 5.95
C TYR B 121 -11.43 7.70 7.14
N PHE B 122 -10.57 8.38 7.90
CA PHE B 122 -10.08 7.81 9.15
C PHE B 122 -11.23 7.39 10.05
N GLY B 123 -12.31 8.19 10.05
CA GLY B 123 -13.45 7.86 10.90
C GLY B 123 -14.11 6.55 10.53
N GLU B 124 -14.15 6.23 9.24
CA GLU B 124 -14.73 4.96 8.82
C GLU B 124 -13.96 3.79 9.38
N LEU B 125 -12.62 3.86 9.33
CA LEU B 125 -11.80 2.78 9.87
C LEU B 125 -11.90 2.69 11.39
N SER B 126 -12.12 3.83 12.06
CA SER B 126 -12.30 3.80 13.51
C SER B 126 -13.57 3.05 13.89
N ARG B 127 -14.64 3.22 13.11
CA ARG B 127 -15.88 2.49 13.38
C ARG B 127 -15.71 0.99 13.19
N MET B 128 -14.68 0.55 12.46
CA MET B 128 -14.37 -0.87 12.33
C MET B 128 -13.67 -1.41 13.56
N THR B 129 -13.29 -0.55 14.51
CA THR B 129 -12.50 -0.93 15.67
C THR B 129 -11.09 -1.34 15.23
N GLU B 140 -3.38 3.35 20.56
CA GLU B 140 -3.41 2.02 21.15
C GLU B 140 -2.29 1.18 20.56
N ASN B 141 -2.03 0.02 21.18
CA ASN B 141 -0.89 -0.81 20.84
C ASN B 141 -1.20 -1.86 19.76
N ILE B 142 -2.23 -1.62 18.94
CA ILE B 142 -2.42 -2.42 17.73
C ILE B 142 -1.50 -1.89 16.64
N ASN B 143 -1.26 -2.70 15.62
CA ASN B 143 -0.44 -2.23 14.51
C ASN B 143 -1.31 -1.58 13.44
N ALA B 144 -0.68 -0.76 12.61
CA ALA B 144 -1.40 -0.01 11.59
C ALA B 144 -2.07 -0.93 10.58
N GLY B 145 -1.56 -2.15 10.41
CA GLY B 145 -2.19 -3.08 9.48
C GLY B 145 -3.57 -3.50 9.93
N LEU B 146 -3.73 -3.83 11.22
CA LEU B 146 -5.05 -4.17 11.73
C LEU B 146 -6.03 -3.01 11.53
N PHE B 147 -5.56 -1.78 11.70
CA PHE B 147 -6.43 -0.63 11.54
C PHE B 147 -6.80 -0.41 10.07
N ASP B 148 -5.86 -0.67 9.16
CA ASP B 148 -6.00 -0.27 7.76
C ASP B 148 -6.43 -1.41 6.83
N TYR B 149 -6.46 -2.65 7.30
CA TYR B 149 -6.74 -3.75 6.38
C TYR B 149 -8.10 -3.65 5.70
N PRO B 150 -9.12 -2.99 6.26
CA PRO B 150 -10.37 -2.84 5.49
C PRO B 150 -10.18 -2.12 4.16
N VAL B 151 -9.22 -1.21 4.06
CA VAL B 151 -8.94 -0.55 2.79
C VAL B 151 -8.32 -1.53 1.80
N LEU B 152 -7.41 -2.38 2.28
CA LEU B 152 -6.82 -3.38 1.39
C LEU B 152 -7.89 -4.36 0.89
N MET B 153 -8.84 -4.73 1.76
CA MET B 153 -9.94 -5.57 1.33
C MET B 153 -10.71 -4.91 0.20
N ALA B 154 -11.00 -3.61 0.34
CA ALA B 154 -11.71 -2.90 -0.71
C ALA B 154 -10.93 -2.97 -2.02
N ALA B 155 -9.61 -2.78 -1.95
CA ALA B 155 -8.80 -2.85 -3.16
C ALA B 155 -8.84 -4.25 -3.77
N ASP B 156 -8.78 -5.29 -2.93
CA ASP B 156 -8.84 -6.65 -3.43
C ASP B 156 -10.04 -6.84 -4.34
N ILE B 157 -11.20 -6.33 -3.91
CA ILE B 157 -12.44 -6.56 -4.64
C ILE B 157 -12.53 -5.65 -5.87
N LEU B 158 -12.32 -4.35 -5.67
CA LEU B 158 -12.53 -3.38 -6.74
C LEU B 158 -11.53 -3.54 -7.88
N LEU B 159 -10.39 -4.18 -7.62
CA LEU B 159 -9.38 -4.36 -8.66
C LEU B 159 -9.94 -5.12 -9.86
N TYR B 160 -10.79 -6.11 -9.61
CA TYR B 160 -11.20 -7.05 -10.64
C TYR B 160 -12.59 -6.75 -11.18
N GLN B 161 -13.09 -5.53 -10.95
CA GLN B 161 -14.42 -5.15 -11.42
C GLN B 161 -15.47 -6.11 -10.88
N THR B 162 -15.28 -6.51 -9.62
CA THR B 162 -16.10 -7.54 -9.03
C THR B 162 -17.57 -7.13 -9.00
N ASN B 163 -18.44 -8.07 -9.37
CA ASN B 163 -19.88 -7.88 -9.31
C ASN B 163 -20.50 -8.41 -8.02
N GLN B 164 -20.01 -9.54 -7.50
CA GLN B 164 -20.63 -10.17 -6.35
C GLN B 164 -19.55 -10.71 -5.41
N VAL B 165 -19.82 -10.64 -4.11
CA VAL B 165 -18.88 -11.08 -3.09
C VAL B 165 -19.63 -11.94 -2.08
N PRO B 166 -19.20 -13.20 -1.84
CA PRO B 166 -19.72 -13.95 -0.68
C PRO B 166 -19.08 -13.44 0.59
N VAL B 167 -19.86 -12.73 1.40
CA VAL B 167 -19.40 -12.13 2.64
C VAL B 167 -20.02 -12.89 3.80
N GLY B 168 -19.17 -13.33 4.73
CA GLY B 168 -19.67 -13.82 5.99
C GLY B 168 -20.36 -12.72 6.77
N GLU B 169 -21.17 -13.13 7.75
CA GLU B 169 -21.82 -12.14 8.61
C GLU B 169 -20.80 -11.27 9.31
N ASP B 170 -19.64 -11.84 9.65
CA ASP B 170 -18.57 -11.08 10.30
C ASP B 170 -17.96 -10.02 9.39
N GLN B 171 -18.14 -10.14 8.07
CA GLN B 171 -17.51 -9.22 7.12
C GLN B 171 -18.50 -8.25 6.49
N LYS B 172 -19.70 -8.13 7.04
CA LYS B 172 -20.71 -7.26 6.43
C LYS B 172 -20.24 -5.82 6.37
N GLN B 173 -19.69 -5.30 7.48
CA GLN B 173 -19.26 -3.92 7.51
C GLN B 173 -18.15 -3.66 6.48
N HIS B 174 -17.23 -4.61 6.34
CA HIS B 174 -16.13 -4.44 5.40
C HIS B 174 -16.65 -4.32 3.98
N LEU B 175 -17.64 -5.12 3.61
CA LEU B 175 -18.19 -5.05 2.26
C LEU B 175 -18.87 -3.71 2.02
N GLU B 176 -19.55 -3.17 3.03
CA GLU B 176 -20.24 -1.90 2.86
C GLU B 176 -19.25 -0.74 2.76
N LEU B 177 -18.08 -0.85 3.39
CA LEU B 177 -17.04 0.14 3.17
C LEU B 177 -16.55 0.10 1.73
N SER B 178 -16.39 -1.11 1.18
CA SER B 178 -15.96 -1.23 -0.22
C SER B 178 -16.97 -0.60 -1.16
N ARG B 179 -18.26 -0.80 -0.90
CA ARG B 179 -19.29 -0.15 -1.70
C ARG B 179 -19.21 1.37 -1.58
N ASP B 180 -19.06 1.87 -0.34
CA ASP B 180 -19.06 3.32 -0.13
C ASP B 180 -17.84 3.96 -0.80
N VAL B 181 -16.69 3.29 -0.76
CA VAL B 181 -15.49 3.84 -1.36
C VAL B 181 -15.60 3.83 -2.88
N ALA B 182 -16.15 2.75 -3.44
CA ALA B 182 -16.32 2.69 -4.89
C ALA B 182 -17.25 3.79 -5.38
N GLN B 183 -18.37 4.00 -4.70
CA GLN B 183 -19.29 5.05 -5.11
C GLN B 183 -18.67 6.43 -4.96
N ARG B 184 -17.94 6.65 -3.87
CA ARG B 184 -17.30 7.94 -3.64
C ARG B 184 -16.26 8.24 -4.71
N PHE B 185 -15.45 7.25 -5.06
CA PHE B 185 -14.45 7.42 -6.11
C PHE B 185 -15.11 7.69 -7.45
N ASN B 186 -16.16 6.92 -7.78
CA ASN B 186 -16.82 7.09 -9.07
C ASN B 186 -17.52 8.43 -9.16
N ALA B 187 -18.00 8.96 -8.03
CA ALA B 187 -18.65 10.27 -8.06
C ALA B 187 -17.68 11.38 -8.40
N ILE B 188 -16.39 11.16 -8.15
CA ILE B 188 -15.36 12.15 -8.43
C ILE B 188 -14.81 12.00 -9.85
N TYR B 189 -14.55 10.76 -10.28
CA TYR B 189 -13.76 10.50 -11.47
C TYR B 189 -14.53 9.84 -12.61
N GLY B 190 -15.77 9.42 -12.38
CA GLY B 190 -16.50 8.62 -13.35
C GLY B 190 -16.53 7.16 -12.97
N ASP B 191 -17.24 6.38 -13.78
CA ASP B 191 -17.49 4.97 -13.49
C ASP B 191 -16.22 4.15 -13.76
N ILE B 192 -15.31 4.16 -12.79
CA ILE B 192 -14.11 3.36 -12.87
C ILE B 192 -14.30 1.99 -12.23
N PHE B 193 -14.98 1.96 -11.08
CA PHE B 193 -15.23 0.75 -10.34
C PHE B 193 -16.67 0.28 -10.52
N LYS B 194 -16.86 -1.04 -10.52
CA LYS B 194 -18.18 -1.60 -10.25
C LYS B 194 -18.42 -1.55 -8.75
N VAL B 195 -19.67 -1.31 -8.36
CA VAL B 195 -20.08 -1.32 -6.96
C VAL B 195 -20.44 -2.76 -6.60
N PRO B 196 -19.65 -3.44 -5.76
CA PRO B 196 -19.91 -4.86 -5.52
C PRO B 196 -21.18 -5.08 -4.71
N GLU B 197 -21.80 -6.24 -4.91
CA GLU B 197 -22.99 -6.63 -4.18
C GLU B 197 -22.72 -7.89 -3.37
N PRO B 198 -23.21 -7.98 -2.14
CA PRO B 198 -23.12 -9.25 -1.41
C PRO B 198 -23.96 -10.31 -2.09
N PHE B 199 -23.54 -11.56 -1.89
CA PHE B 199 -24.09 -12.70 -2.62
C PHE B 199 -24.57 -13.77 -1.64
N ILE B 200 -25.68 -14.41 -1.98
CA ILE B 200 -26.39 -15.31 -1.08
C ILE B 200 -26.37 -16.70 -1.71
N PRO B 201 -26.54 -17.76 -0.88
CA PRO B 201 -26.46 -19.15 -1.36
C PRO B 201 -27.24 -19.40 -2.66
N GLY B 204 -27.59 -24.97 -1.14
CA GLY B 204 -27.39 -24.39 0.18
C GLY B 204 -27.65 -25.38 1.29
N ALA B 205 -26.80 -26.40 1.38
CA ALA B 205 -26.95 -27.43 2.39
C ALA B 205 -26.76 -26.83 3.78
N ARG B 206 -27.67 -27.16 4.70
CA ARG B 206 -27.60 -26.68 6.07
C ARG B 206 -26.85 -27.69 6.92
N VAL B 207 -25.73 -27.27 7.49
CA VAL B 207 -24.92 -28.09 8.39
C VAL B 207 -24.80 -27.36 9.72
N MET B 208 -25.18 -28.03 10.80
CA MET B 208 -25.19 -27.43 12.13
C MET B 208 -24.06 -27.96 12.98
N SER B 209 -23.64 -27.14 13.94
CA SER B 209 -22.61 -27.55 14.90
C SER B 209 -23.06 -28.80 15.64
N LEU B 210 -22.14 -29.76 15.77
CA LEU B 210 -22.51 -31.08 16.29
C LEU B 210 -22.94 -31.00 17.74
N LEU B 211 -22.06 -30.52 18.62
CA LEU B 211 -22.36 -30.48 20.06
C LEU B 211 -23.22 -29.29 20.45
N GLU B 212 -23.65 -28.47 19.49
CA GLU B 212 -24.56 -27.37 19.78
C GLU B 212 -25.35 -27.00 18.53
N PRO B 213 -26.22 -27.90 18.05
CA PRO B 213 -27.01 -27.61 16.84
C PRO B 213 -27.91 -26.39 17.00
N LYS B 216 -24.88 -22.69 13.77
CA LYS B 216 -24.44 -23.21 12.47
C LYS B 216 -22.95 -23.51 12.50
N MET B 217 -22.58 -24.65 11.91
CA MET B 217 -21.18 -25.03 11.86
C MET B 217 -20.38 -23.92 11.18
N SER B 218 -19.35 -23.44 11.86
CA SER B 218 -18.55 -22.31 11.39
C SER B 218 -17.07 -22.63 11.51
N LYS B 219 -16.29 -22.10 10.56
CA LYS B 219 -14.84 -22.24 10.64
C LYS B 219 -14.25 -21.40 11.76
N SER B 220 -15.01 -20.45 12.29
CA SER B 220 -14.57 -19.59 13.37
C SER B 220 -14.90 -20.15 14.75
N ASP B 221 -15.45 -21.36 14.82
CA ASP B 221 -15.90 -21.91 16.09
C ASP B 221 -14.74 -22.00 17.07
N ASP B 222 -14.92 -21.39 18.25
CA ASP B 222 -13.95 -21.54 19.31
C ASP B 222 -13.96 -22.94 19.91
N ASN B 223 -15.02 -23.71 19.67
CA ASN B 223 -15.13 -25.09 20.13
C ASN B 223 -14.89 -26.00 18.92
N ARG B 224 -13.75 -26.71 18.94
CA ARG B 224 -13.38 -27.52 17.78
C ARG B 224 -14.33 -28.69 17.58
N ASN B 225 -14.84 -29.27 18.66
CA ASN B 225 -15.68 -30.46 18.56
C ASN B 225 -16.99 -30.22 17.84
N ASN B 226 -17.35 -28.95 17.61
CA ASN B 226 -18.57 -28.61 16.91
C ASN B 226 -18.45 -28.73 15.39
N VAL B 227 -17.26 -29.00 14.85
CA VAL B 227 -17.04 -28.96 13.41
C VAL B 227 -16.23 -30.18 12.98
N ILE B 228 -16.25 -30.44 11.68
CA ILE B 228 -15.45 -31.49 11.04
C ILE B 228 -14.67 -30.85 9.91
N GLY B 229 -13.34 -30.90 10.01
CA GLY B 229 -12.51 -30.31 8.97
C GLY B 229 -12.41 -31.20 7.75
N LEU B 230 -12.14 -30.55 6.61
CA LEU B 230 -11.98 -31.31 5.37
C LEU B 230 -10.75 -32.22 5.41
N LEU B 231 -9.75 -31.87 6.23
CA LEU B 231 -8.55 -32.69 6.39
C LEU B 231 -8.61 -33.55 7.65
N GLU B 232 -9.81 -34.00 8.00
CA GLU B 232 -10.05 -34.75 9.23
C GLU B 232 -9.98 -36.25 8.94
N ASP B 233 -9.19 -36.97 9.74
CA ASP B 233 -9.03 -38.40 9.51
C ASP B 233 -10.31 -39.15 9.89
N PRO B 234 -10.52 -40.34 9.32
CA PRO B 234 -11.77 -41.05 9.57
C PRO B 234 -12.05 -41.32 11.04
N LYS B 235 -11.03 -41.59 11.84
CA LYS B 235 -11.25 -41.89 13.25
C LYS B 235 -11.82 -40.68 13.99
N SER B 236 -11.32 -39.48 13.67
CA SER B 236 -11.80 -38.28 14.35
C SER B 236 -13.21 -37.91 13.93
N VAL B 237 -13.56 -38.18 12.67
CA VAL B 237 -14.93 -37.98 12.22
C VAL B 237 -15.87 -38.93 12.96
N VAL B 238 -15.46 -40.19 13.10
CA VAL B 238 -16.28 -41.16 13.84
C VAL B 238 -16.46 -40.70 15.28
N LYS B 239 -15.42 -40.13 15.87
CA LYS B 239 -15.48 -39.73 17.27
C LYS B 239 -16.37 -38.51 17.47
N LYS B 240 -16.33 -37.56 16.53
CA LYS B 240 -17.14 -36.36 16.64
C LYS B 240 -18.61 -36.63 16.32
N ILE B 241 -18.88 -37.54 15.37
CA ILE B 241 -20.25 -37.89 15.04
C ILE B 241 -20.87 -38.70 16.17
N LYS B 242 -20.12 -39.67 16.71
CA LYS B 242 -20.62 -40.44 17.84
C LYS B 242 -20.95 -39.55 19.02
N ARG B 243 -20.19 -38.49 19.22
CA ARG B 243 -20.37 -37.60 20.35
C ARG B 243 -21.34 -36.45 20.08
N ALA B 244 -21.95 -36.41 18.89
CA ALA B 244 -22.84 -35.30 18.55
C ALA B 244 -24.06 -35.29 19.46
N VAL B 245 -24.47 -34.09 19.87
CA VAL B 245 -25.63 -33.99 20.75
C VAL B 245 -26.85 -34.58 20.05
N THR B 246 -27.74 -35.17 20.85
CA THR B 246 -28.98 -35.74 20.34
C THR B 246 -30.05 -35.64 21.43
N ASP B 247 -31.30 -35.88 21.04
CA ASP B 247 -32.45 -35.75 21.94
C ASP B 247 -32.87 -37.13 22.44
N SER B 248 -33.08 -37.25 23.74
CA SER B 248 -33.40 -38.53 24.37
C SER B 248 -34.91 -38.75 24.39
N ASP B 249 -35.48 -38.87 23.20
CA ASP B 249 -36.89 -39.24 23.06
C ASP B 249 -37.05 -40.74 23.24
N GLU B 250 -38.14 -41.14 23.89
CA GLU B 250 -38.42 -42.54 24.18
C GLU B 250 -39.68 -42.97 23.45
N PRO B 251 -39.60 -43.91 22.48
CA PRO B 251 -38.40 -44.58 21.96
C PRO B 251 -37.61 -43.65 21.02
N PRO B 252 -36.29 -43.80 20.92
CA PRO B 252 -35.53 -42.96 19.99
C PRO B 252 -35.91 -43.25 18.55
N VAL B 253 -36.39 -42.22 17.85
CA VAL B 253 -36.78 -42.33 16.45
C VAL B 253 -36.11 -41.22 15.66
N VAL B 254 -36.00 -41.44 14.36
CA VAL B 254 -35.32 -40.51 13.46
C VAL B 254 -36.37 -39.65 12.79
N ARG B 255 -36.35 -38.35 13.11
CA ARG B 255 -37.32 -37.40 12.56
C ARG B 255 -36.70 -36.01 12.57
N TYR B 256 -36.95 -35.26 11.49
CA TYR B 256 -36.42 -33.91 11.36
C TYR B 256 -37.27 -32.95 12.18
N ASP B 257 -36.63 -32.20 13.08
CA ASP B 257 -37.33 -31.22 13.91
C ASP B 257 -36.34 -30.25 14.53
N ALA B 262 -32.90 -31.27 17.55
CA ALA B 262 -31.93 -30.49 16.78
C ALA B 262 -30.66 -31.30 16.57
N GLY B 263 -30.43 -32.28 17.43
CA GLY B 263 -29.29 -33.15 17.26
C GLY B 263 -29.56 -34.09 16.11
N VAL B 264 -30.60 -34.91 16.23
CA VAL B 264 -30.92 -35.89 15.19
C VAL B 264 -31.10 -35.18 13.85
N SER B 265 -31.67 -33.98 13.86
CA SER B 265 -31.89 -33.24 12.63
C SER B 265 -30.58 -32.90 11.94
N ASN B 266 -29.57 -32.51 12.71
CA ASN B 266 -28.28 -32.15 12.12
C ASN B 266 -27.72 -33.32 11.32
N LEU B 267 -27.86 -34.54 11.85
CA LEU B 267 -27.26 -35.70 11.21
C LEU B 267 -28.01 -36.07 9.94
N LEU B 268 -29.32 -35.77 9.91
CA LEU B 268 -30.09 -35.98 8.70
C LEU B 268 -29.72 -34.98 7.61
N ASP B 269 -29.45 -33.73 7.99
CA ASP B 269 -29.02 -32.74 7.02
C ASP B 269 -27.65 -33.11 6.44
N ILE B 270 -26.73 -33.54 7.30
CA ILE B 270 -25.37 -33.84 6.84
C ILE B 270 -25.37 -35.08 5.95
N LEU B 271 -26.06 -36.14 6.38
CA LEU B 271 -26.10 -37.37 5.59
C LEU B 271 -26.77 -37.14 4.25
N SER B 272 -27.88 -36.40 4.23
CA SER B 272 -28.58 -36.15 2.98
C SER B 272 -27.69 -35.39 2.00
N ALA B 273 -26.95 -34.39 2.49
CA ALA B 273 -26.08 -33.62 1.60
C ALA B 273 -25.02 -34.51 0.96
N VAL B 274 -24.44 -35.43 1.74
CA VAL B 274 -23.38 -36.29 1.22
C VAL B 274 -23.94 -37.23 0.16
N THR B 275 -25.05 -37.90 0.46
CA THR B 275 -25.56 -38.95 -0.40
C THR B 275 -26.55 -38.47 -1.45
N GLY B 276 -26.95 -37.20 -1.39
CA GLY B 276 -27.96 -36.70 -2.31
C GLY B 276 -29.30 -37.37 -2.17
N GLN B 277 -29.61 -37.91 -0.99
CA GLN B 277 -30.87 -38.59 -0.73
C GLN B 277 -31.82 -37.68 0.00
N SER B 278 -33.12 -37.94 -0.17
CA SER B 278 -34.14 -37.21 0.57
C SER B 278 -34.12 -37.61 2.04
N ILE B 279 -34.45 -36.65 2.90
CA ILE B 279 -34.54 -36.94 4.33
C ILE B 279 -35.53 -38.06 4.60
N PRO B 280 -36.76 -38.03 4.09
CA PRO B 280 -37.68 -39.14 4.36
C PRO B 280 -37.22 -40.48 3.83
N GLU B 281 -36.64 -40.52 2.62
CA GLU B 281 -36.10 -41.77 2.11
C GLU B 281 -34.98 -42.30 3.00
N LEU B 282 -34.26 -41.39 3.67
CA LEU B 282 -33.27 -41.81 4.66
C LEU B 282 -33.95 -42.40 5.90
N GLU B 283 -35.03 -41.77 6.37
CA GLU B 283 -35.73 -42.30 7.53
C GLU B 283 -36.30 -43.68 7.26
N GLN B 284 -36.71 -43.93 6.01
CA GLN B 284 -37.12 -45.28 5.63
C GLN B 284 -36.04 -46.29 5.94
N HIS B 285 -34.77 -45.93 5.67
CA HIS B 285 -33.65 -46.82 5.93
C HIS B 285 -33.43 -47.04 7.41
N PHE B 286 -33.65 -46.01 8.23
CA PHE B 286 -33.46 -46.12 9.68
C PHE B 286 -34.74 -46.57 10.37
N GLY B 288 -36.62 -48.19 12.77
CA GLY B 288 -36.26 -49.38 13.52
C GLY B 288 -34.86 -49.32 14.10
N LYS B 289 -33.93 -48.77 13.33
CA LYS B 289 -32.57 -48.59 13.81
C LYS B 289 -32.53 -47.49 14.87
N MET B 290 -31.50 -47.53 15.71
CA MET B 290 -31.34 -46.56 16.78
C MET B 290 -30.49 -45.39 16.32
N TYR B 291 -30.31 -44.41 17.22
CA TYR B 291 -29.46 -43.27 16.92
C TYR B 291 -28.01 -43.69 16.67
N GLY B 292 -27.60 -44.86 17.16
CA GLY B 292 -26.26 -45.35 16.86
C GLY B 292 -26.13 -45.87 15.46
N HIS B 293 -27.21 -46.41 14.90
CA HIS B 293 -27.22 -46.71 13.47
C HIS B 293 -27.03 -45.43 12.67
N LEU B 294 -27.75 -44.38 13.03
CA LEU B 294 -27.63 -43.12 12.29
C LEU B 294 -26.20 -42.59 12.35
N LYS B 295 -25.64 -42.47 13.56
CA LYS B 295 -24.32 -41.86 13.70
C LYS B 295 -23.27 -42.65 12.94
N GLY B 296 -23.35 -43.99 12.99
CA GLY B 296 -22.43 -44.79 12.19
C GLY B 296 -22.57 -44.52 10.71
N GLU B 297 -23.81 -44.51 10.21
CA GLU B 297 -24.04 -44.28 8.79
C GLU B 297 -23.46 -42.94 8.35
N VAL B 298 -23.76 -41.88 9.11
CA VAL B 298 -23.23 -40.56 8.80
C VAL B 298 -21.72 -40.63 8.68
N ALA B 299 -21.06 -41.05 9.77
CA ALA B 299 -19.61 -41.03 9.84
C ALA B 299 -18.97 -41.74 8.65
N GLU B 300 -19.58 -42.85 8.21
CA GLU B 300 -19.03 -43.58 7.08
C GLU B 300 -19.13 -42.77 5.80
N ALA B 301 -20.26 -42.09 5.60
CA ALA B 301 -20.46 -41.34 4.36
C ALA B 301 -19.53 -40.13 4.30
N VAL B 302 -19.48 -39.34 5.38
CA VAL B 302 -18.62 -38.15 5.38
C VAL B 302 -17.16 -38.55 5.18
N SER B 303 -16.72 -39.65 5.81
CA SER B 303 -15.35 -40.08 5.63
C SER B 303 -15.10 -40.61 4.22
N GLY B 304 -16.12 -41.20 3.59
CA GLY B 304 -15.97 -41.62 2.21
C GLY B 304 -15.77 -40.44 1.28
N MET B 305 -16.50 -39.36 1.52
CA MET B 305 -16.38 -38.17 0.68
C MET B 305 -15.08 -37.43 0.95
N LEU B 306 -14.70 -37.30 2.23
CA LEU B 306 -13.45 -36.62 2.57
C LEU B 306 -12.24 -37.37 2.04
N THR B 307 -12.33 -38.70 1.96
CA THR B 307 -11.19 -39.48 1.50
C THR B 307 -10.86 -39.16 0.04
N GLU B 308 -11.88 -39.01 -0.80
CA GLU B 308 -11.65 -38.63 -2.19
C GLU B 308 -11.05 -37.24 -2.27
N LEU B 309 -11.52 -36.31 -1.43
CA LEU B 309 -10.95 -34.98 -1.40
C LEU B 309 -9.50 -35.01 -0.94
N GLN B 310 -9.19 -35.86 0.05
CA GLN B 310 -7.90 -35.80 0.71
C GLN B 310 -6.78 -36.38 -0.15
N GLU B 311 -7.08 -37.45 -0.91
CA GLU B 311 -6.05 -37.99 -1.79
C GLU B 311 -5.69 -36.98 -2.88
N ARG B 312 -6.68 -36.28 -3.43
CA ARG B 312 -6.37 -35.18 -4.33
C ARG B 312 -5.55 -34.11 -3.63
N TYR B 313 -5.89 -33.82 -2.37
CA TYR B 313 -5.15 -32.81 -1.63
C TYR B 313 -3.68 -33.17 -1.53
N HIS B 314 -3.37 -34.41 -1.14
CA HIS B 314 -1.98 -34.79 -0.95
C HIS B 314 -1.23 -34.88 -2.26
N ARG B 315 -1.90 -35.31 -3.34
CA ARG B 315 -1.24 -35.38 -4.64
CA ARG B 315 -1.25 -35.38 -4.64
C ARG B 315 -0.81 -34.01 -5.12
N PHE B 316 -1.68 -33.00 -4.96
CA PHE B 316 -1.29 -31.64 -5.34
C PHE B 316 -0.31 -31.05 -4.35
N ARG B 317 -0.51 -31.29 -3.06
CA ARG B 317 0.27 -30.60 -2.03
C ARG B 317 1.73 -31.02 -2.05
N ASN B 318 2.00 -32.30 -2.32
CA ASN B 318 3.36 -32.80 -2.36
C ASN B 318 4.07 -32.50 -3.67
N ASP B 319 3.36 -32.00 -4.69
CA ASP B 319 3.96 -31.67 -5.98
C ASP B 319 4.21 -30.16 -6.01
N GLU B 320 5.29 -29.76 -5.33
CA GLU B 320 5.59 -28.34 -5.18
C GLU B 320 5.82 -27.67 -6.53
N ALA B 321 6.40 -28.39 -7.49
CA ALA B 321 6.59 -27.82 -8.82
C ALA B 321 5.25 -27.49 -9.47
N PHE B 322 4.28 -28.38 -9.32
CA PHE B 322 2.95 -28.10 -9.87
C PHE B 322 2.32 -26.89 -9.19
N LEU B 323 2.44 -26.79 -7.87
CA LEU B 323 1.84 -25.66 -7.15
C LEU B 323 2.49 -24.35 -7.59
N ASN B 324 3.80 -24.38 -7.84
CA ASN B 324 4.48 -23.18 -8.36
C ASN B 324 3.92 -22.79 -9.72
N GLN B 325 3.65 -23.77 -10.58
CA GLN B 325 3.04 -23.46 -11.86
C GLN B 325 1.66 -22.83 -11.68
N VAL B 326 0.87 -23.36 -10.74
CA VAL B 326 -0.47 -22.83 -10.53
C VAL B 326 -0.41 -21.38 -10.05
N MET B 327 0.51 -21.10 -9.11
CA MET B 327 0.63 -19.73 -8.61
C MET B 327 1.14 -18.78 -9.68
N LYS B 328 2.01 -19.26 -10.58
CA LYS B 328 2.47 -18.42 -11.66
C LYS B 328 1.34 -18.10 -12.63
N GLU B 329 0.56 -19.12 -13.01
CA GLU B 329 -0.57 -18.89 -13.91
C GLU B 329 -1.60 -17.96 -13.28
N GLY B 330 -1.91 -18.18 -12.00
CA GLY B 330 -2.91 -17.36 -11.35
C GLY B 330 -2.47 -15.93 -11.16
N ALA B 331 -1.21 -15.74 -10.76
CA ALA B 331 -0.71 -14.39 -10.52
C ALA B 331 -0.64 -13.58 -11.82
N GLU B 332 -0.20 -14.22 -12.90
CA GLU B 332 -0.12 -13.53 -14.18
C GLU B 332 -1.49 -13.17 -14.71
N LYS B 333 -2.45 -14.10 -14.64
CA LYS B 333 -3.81 -13.80 -15.04
C LYS B 333 -4.41 -12.71 -14.16
N ALA B 334 -4.15 -12.77 -12.85
CA ALA B 334 -4.69 -11.77 -11.94
C ALA B 334 -4.13 -10.39 -12.24
N SER B 335 -2.81 -10.30 -12.47
CA SER B 335 -2.20 -8.99 -12.72
C SER B 335 -2.67 -8.40 -14.04
N ALA B 336 -2.86 -9.24 -15.05
CA ALA B 336 -3.36 -8.73 -16.34
C ALA B 336 -4.74 -8.09 -16.15
N HIS B 337 -5.62 -8.74 -15.41
CA HIS B 337 -6.94 -8.19 -15.15
C HIS B 337 -6.84 -6.96 -14.25
N ALA B 338 -6.04 -7.06 -13.19
CA ALA B 338 -5.97 -6.00 -12.20
C ALA B 338 -5.35 -4.73 -12.77
N SER B 339 -4.36 -4.88 -13.66
CA SER B 339 -3.67 -3.72 -14.20
C SER B 339 -4.59 -2.87 -15.06
N LYS B 340 -5.60 -3.47 -15.69
CA LYS B 340 -6.57 -2.68 -16.43
C LYS B 340 -7.27 -1.68 -15.53
N THR B 341 -7.69 -2.13 -14.33
CA THR B 341 -8.37 -1.22 -13.42
C THR B 341 -7.40 -0.23 -12.78
N LEU B 342 -6.21 -0.70 -12.38
CA LEU B 342 -5.27 0.19 -11.71
C LEU B 342 -4.83 1.32 -12.64
N LYS B 343 -4.57 1.00 -13.90
CA LYS B 343 -4.11 2.03 -14.83
C LYS B 343 -5.20 3.07 -15.08
N ALA B 344 -6.46 2.66 -15.08
CA ALA B 344 -7.55 3.62 -15.19
C ALA B 344 -7.67 4.46 -13.92
N VAL B 345 -7.39 3.87 -12.77
CA VAL B 345 -7.39 4.63 -11.52
C VAL B 345 -6.26 5.66 -11.52
N TYR B 346 -5.07 5.24 -11.92
CA TYR B 346 -3.94 6.17 -11.95
C TYR B 346 -4.18 7.28 -12.97
N GLU B 347 -4.77 6.94 -14.11
CA GLU B 347 -5.12 7.95 -15.10
C GLU B 347 -6.04 9.01 -14.50
N ALA B 348 -7.08 8.58 -13.79
CA ALA B 348 -8.06 9.50 -13.27
C ALA B 348 -7.48 10.36 -12.14
N ILE B 349 -6.61 9.78 -11.33
CA ILE B 349 -6.01 10.52 -10.21
C ILE B 349 -5.13 11.64 -10.72
N GLY B 350 -4.42 11.40 -11.82
CA GLY B 350 -3.53 12.40 -12.38
C GLY B 350 -2.07 12.01 -12.38
N PHE B 351 -1.78 10.75 -12.03
CA PHE B 351 -0.41 10.27 -12.09
C PHE B 351 0.08 10.26 -13.54
N VAL B 352 1.37 10.58 -13.72
CA VAL B 352 2.00 10.31 -15.00
C VAL B 352 1.99 8.81 -15.24
N ALA B 353 1.49 8.40 -16.40
CA ALA B 353 1.48 6.99 -16.74
C ALA B 353 2.90 6.46 -16.85
N LYS B 354 3.12 5.28 -16.29
CA LYS B 354 4.43 4.65 -16.34
C LYS B 354 4.81 4.40 -17.79
N PRO B 355 5.93 4.95 -18.28
CA PRO B 355 6.29 4.79 -19.70
C PRO B 355 6.93 3.44 -20.01
#